data_4CK7
#
_entry.id   4CK7
#
_cell.length_a   1.000
_cell.length_b   1.000
_cell.length_c   1.000
_cell.angle_alpha   90.00
_cell.angle_beta   90.00
_cell.angle_gamma   90.00
#
_symmetry.space_group_name_H-M   'P 1'
#
loop_
_entity.id
_entity.type
_entity.pdbx_description
1 polymer 'TUBULIN ALPHA-1D CHAIN'
2 polymer 'TUBULIN BETA-2B CHAIN'
3 polymer 'KINESIN-LIKE PROTEIN KIF11'
4 non-polymer 'MAGNESIUM ION'
5 non-polymer "GUANOSINE-5'-TRIPHOSPHATE"
6 non-polymer "GUANOSINE-5'-DIPHOSPHATE"
7 non-polymer TAXOL
8 non-polymer 'ALUMINUM FLUORIDE'
9 non-polymer "ADENOSINE-5'-DIPHOSPHATE"
#
loop_
_entity_poly.entity_id
_entity_poly.type
_entity_poly.pdbx_seq_one_letter_code
_entity_poly.pdbx_strand_id
1 'polypeptide(L)'
;MRECISIHVGQAGVQIGNACWELYCLEHGIQPDGQMPSDKTIGGGDDSFNTFFSETGAGKHVPRAVFVDLEPTVIDEVRT
GTYRQLFHPEQLITGKEDAANNYARGHYTIGKEIIDLVLDRIRKLADQCTGLQGFSVFHSFGGGTGSGFTSLLMERLSVD
YGKKSKLEFSIYPAPQVSTAVVEPYNSILTTHTTLEHSDCAFMVDNEAIYDICRRNLDIERPTYTNLNRLIGQIVSSITA
SLRFDGALNVDLTEFQTNLVPYPRGHFPLATYAPVISAEKAYHEQLSVAEITNACFEPANQMVKCDPRHGKYMACCLLYR
GDVVPKDVNAAIATIKTKRTIQFVDWCPTGFKVGINYEPPTVVPGGDLAKVQRAVCMLSNTTAIAEAWARLDHKFDLMYA
KRAFVHWYVGEGMEEGEFSEAREDMAALEKDYEEVGVDSVEGEGEEEEGEEY
;
A
2 'polypeptide(L)'
;MREIVHIQAGQCGNQIGAKFWEVISDEHGIDPTGSYHGDSDLQLERINVYYNEAAGNKYVPRAILVDLEPGTMDSVRSGP
FGQIFRPDNFVFGQSGAGNNWAKGHYTEGAELVDSVLDVVRKESESCDCLQGFQLTHSLGGGTGSGMGTLLISKIREEYP
DRIMNTFSVVPSPKVSDTVVEPYNATLSVHQLVENTDETYCIDNEALYDICFRTLKLTTPTYGDLNHLVSATMSGVTTCL
RFPGQLNADLRKLAVNMVPFPRLHFFMPGFAPLTSRGSQQYRALTVPELTQQMFDAKNMMAACDPRHGRYLTVAAVFRGR
MSMKEVDEQMLNVQNKNSSYFVEWIPNNVKTAVCDIPPRGLKMSATFIGNSTAIQELFKRISEQFTAMFRRKAFLHWYTG
EGMDEMEFTEAESNMNDLVSEYQQYQDATADEQGEFEEEEGEDEA
;
B
3 'polypeptide(L)'
;MASQPNSSAKKKEEKGKNIQVVVRVRPFNLAERKASAHSIVESDPVRKEVSVRTGGLADKSSRKTYTFDMVFGASTKQID
VYRSVVAPILDEVIMGYNATIFAYGQTGTGKTFTMEGERSPNEEYCWEEDPLAGIIPRTLHQIFEKLTDNGTEFSVKVSL
LEIYNEELFDLLNPSSDVSERLQMFDDPRNKRGVIIKGLEEITVHNKDEVYQILEKGAAKRTTAATLMNAYSSRSHSVFS
VTIHMKETTIDGEELVKIGKLNLVDLAGSENIGRSGAVDKRAREAGNINQSLLTLGRVITALVERTPHVPYRESKLTRIL
QDSLGGRTRTSIIATISPASLNLEETLSTLEYAHRAKNILNKPEVNQHHHHHH
;
C
#
loop_
_chem_comp.id
_chem_comp.type
_chem_comp.name
_chem_comp.formula
ADP non-polymer ADENOSINE-5'-DIPHOSPHATE 'C10 H15 N5 O10 P2'
AF3 non-polymer 'ALUMINUM FLUORIDE' 'Al F3'
GDP RNA linking GUANOSINE-5'-DIPHOSPHATE 'C10 H15 N5 O11 P2'
GTP non-polymer GUANOSINE-5'-TRIPHOSPHATE 'C10 H16 N5 O14 P3'
MG non-polymer 'MAGNESIUM ION' 'Mg 2'
TA1 non-polymer TAXOL 'C47 H51 N O14'
#
# COMPACT_ATOMS: atom_id res chain seq x y z
CA ARG A 2 21.73 -36.25 -6.94
CA GLU A 3 19.37 -33.83 -8.45
CA CYS A 4 18.60 -30.42 -7.06
CA ILE A 5 15.76 -28.18 -7.94
CA SER A 6 15.50 -24.43 -8.47
CA ILE A 7 12.59 -22.04 -8.31
CA HIS A 8 13.19 -18.71 -9.99
CA VAL A 9 10.62 -16.34 -8.54
CA GLY A 10 9.95 -12.71 -9.54
CA GLN A 11 10.85 -11.06 -12.83
CA ALA A 12 14.39 -10.69 -11.59
CA GLY A 13 14.71 -14.23 -10.25
CA VAL A 14 13.52 -15.12 -13.72
CA GLN A 15 15.99 -12.90 -15.62
CA ILE A 16 18.79 -14.24 -13.46
CA GLY A 17 17.14 -17.60 -14.04
CA ASN A 18 17.25 -17.34 -17.80
CA ALA A 19 20.93 -16.43 -17.31
CA CYS A 20 22.00 -19.15 -14.90
CA TRP A 21 19.95 -21.42 -17.06
CA GLU A 22 21.87 -20.27 -20.09
CA LEU A 23 25.36 -20.79 -18.73
CA TYR A 24 24.17 -24.32 -18.01
CA CYS A 25 23.49 -25.90 -21.40
CA LEU A 26 26.43 -23.82 -22.58
CA GLU A 27 28.82 -25.97 -20.54
CA HIS A 28 26.66 -29.05 -20.73
CA GLY A 29 28.30 -29.99 -23.90
CA ILE A 30 24.88 -30.94 -24.95
CA GLN A 31 22.04 -29.27 -26.49
CA PRO A 32 20.40 -26.84 -24.64
CA ASP A 33 17.08 -28.33 -24.94
CA GLY A 34 17.18 -32.11 -24.39
CA HIS A 61 18.77 -31.88 -21.04
CA VAL A 62 15.58 -30.12 -19.82
CA PRO A 63 15.18 -28.03 -16.92
CA ARG A 64 14.63 -29.35 -13.39
CA ALA A 65 13.54 -26.00 -12.27
CA VAL A 66 10.50 -23.78 -12.48
CA PHE A 67 9.51 -20.18 -13.18
CA VAL A 68 7.00 -18.15 -11.15
CA ASP A 69 5.59 -14.66 -11.75
CA LEU A 70 2.28 -13.11 -11.00
CA GLU A 71 2.96 -10.21 -13.11
CA PRO A 72 2.11 -11.56 -16.50
CA THR A 73 3.74 -8.99 -18.78
CA VAL A 74 7.24 -10.38 -18.03
CA ILE A 75 6.76 -14.12 -18.63
CA ASP A 76 4.80 -12.83 -21.59
CA GLU A 77 8.15 -11.55 -22.90
CA VAL A 78 9.12 -15.19 -23.17
CA ARG A 79 5.75 -15.74 -24.79
CA THR A 80 6.15 -12.84 -27.26
CA GLY A 81 9.88 -12.60 -27.63
CA THR A 82 11.90 -15.59 -27.35
CA TYR A 83 10.03 -17.96 -27.30
CA ARG A 84 6.60 -19.62 -27.42
CA GLN A 85 7.28 -22.70 -29.15
CA LEU A 86 9.47 -25.16 -27.42
CA PHE A 87 8.25 -26.06 -23.96
CA HIS A 88 5.07 -26.25 -22.05
CA PRO A 89 3.91 -24.12 -19.25
CA GLU A 90 4.67 -26.80 -16.74
CA GLN A 91 7.90 -25.37 -15.47
CA LEU A 92 6.63 -22.00 -16.36
CA ILE A 93 3.99 -20.73 -13.94
CA THR A 94 2.23 -17.41 -14.53
CA GLY A 95 -0.56 -15.50 -12.76
CA LYS A 96 -3.21 -13.44 -14.57
CA GLU A 97 -3.09 -10.68 -12.04
CA ASP A 98 -0.40 -8.07 -12.02
CA ALA A 99 1.96 -8.97 -9.25
CA ALA A 100 1.96 -5.62 -7.46
CA ASN A 101 4.28 -4.33 -4.87
CA ASN A 102 3.51 -5.03 -1.31
CA TYR A 103 4.03 -7.92 0.96
CA ALA A 104 0.45 -8.95 1.81
CA ARG A 105 -0.80 -9.04 -1.76
CA GLY A 106 2.27 -10.88 -2.93
CA HIS A 107 2.31 -13.34 -0.04
CA TYR A 108 -0.90 -14.07 0.73
CA THR A 109 -3.59 -12.81 -1.85
CA ILE A 110 -2.57 -13.85 -5.34
CA GLY A 111 0.63 -15.87 -5.00
CA LYS A 112 -1.36 -18.21 -2.73
CA GLU A 113 -3.61 -19.62 -5.44
CA ILE A 114 -0.63 -21.02 -7.35
CA ILE A 115 1.51 -22.38 -4.51
CA ASP A 116 -0.35 -25.70 -4.18
CA LEU A 117 0.19 -26.40 -7.86
CA VAL A 118 3.76 -25.13 -7.53
CA LEU A 119 4.48 -27.46 -4.63
CA ASP A 120 2.89 -30.35 -6.49
CA ARG A 121 5.75 -30.24 -8.98
CA ILE A 122 8.44 -30.00 -6.32
CA ARG A 123 6.74 -33.05 -4.80
CA LYS A 124 6.17 -34.74 -8.15
CA LEU A 125 9.73 -33.96 -9.30
CA ALA A 126 11.03 -34.71 -5.79
CA ASP A 127 9.57 -38.19 -5.89
CA GLN A 128 10.69 -39.35 -9.33
CA CYS A 129 14.40 -38.98 -8.55
CA THR A 130 16.19 -39.85 -5.47
CA GLY A 131 18.16 -38.09 -2.88
CA LEU A 132 17.35 -34.61 -4.19
CA GLN A 133 19.46 -31.92 -2.51
CA GLY A 134 16.60 -29.66 -3.25
CA PHE A 135 15.89 -26.36 -4.10
CA SER A 136 18.08 -23.48 -5.20
CA VAL A 137 15.53 -20.64 -5.00
CA PHE A 138 16.04 -17.44 -7.05
CA HIS A 139 14.24 -14.29 -5.88
CA SER A 140 14.66 -10.73 -5.99
CA PHE A 141 14.71 -9.55 -2.37
CA GLY A 142 13.32 -6.07 -3.77
CA GLY A 143 10.60 -7.47 -5.67
CA GLY A 144 7.48 -7.82 -3.43
CA THR A 145 6.06 -10.77 -5.30
CA GLY A 146 9.45 -12.56 -5.42
CA SER A 147 9.60 -12.28 -1.61
CA GLY A 148 5.90 -13.04 -1.52
CA PHE A 149 5.04 -16.53 -2.69
CA THR A 150 7.98 -18.32 -1.10
CA SER A 151 7.24 -16.41 2.02
CA LEU A 152 4.21 -18.62 2.39
CA LEU A 153 5.80 -21.64 0.69
CA MET A 154 8.58 -21.83 3.24
CA GLU A 155 5.81 -20.82 5.60
CA ARG A 156 3.67 -23.86 4.81
CA LEU A 157 6.83 -26.06 4.97
CA SER A 158 8.01 -25.14 8.45
CA VAL A 159 4.71 -26.60 9.60
CA ASP A 160 4.38 -29.61 7.33
CA TYR A 161 7.91 -30.67 7.49
CA GLY A 162 9.75 -29.04 10.44
CA LYS A 163 13.10 -28.90 9.12
CA LYS A 164 13.23 -28.11 6.02
CA SER A 165 16.14 -26.40 4.63
CA LYS A 166 16.97 -24.79 1.34
CA LEU A 167 19.51 -22.34 -0.17
CA GLU A 168 17.85 -19.22 -1.49
CA PHE A 169 19.88 -17.07 -3.81
CA SER A 170 18.74 -13.46 -3.29
CA ILE A 171 19.05 -10.18 -5.30
CA TYR A 172 19.77 -7.12 -4.05
CA PRO A 173 18.13 -3.80 -3.85
CA ALA A 174 20.73 -1.38 -2.72
CA PRO A 175 19.27 0.57 -0.05
CA GLN A 176 19.92 3.95 -1.63
CA VAL A 177 19.04 2.68 -4.96
CA SER A 178 15.92 0.86 -4.23
CA THR A 179 13.50 3.68 -4.46
CA ALA A 180 10.75 2.87 -2.24
CA VAL A 181 9.61 2.96 1.31
CA VAL A 182 7.12 0.29 1.01
CA GLU A 183 10.07 -1.90 0.28
CA PRO A 184 11.87 -2.12 3.70
CA TYR A 185 8.60 -3.26 5.22
CA ASN A 186 8.70 -6.07 2.69
CA SER A 187 12.39 -6.84 3.22
CA ILE A 188 12.68 -6.69 6.96
CA LEU A 189 9.81 -9.17 6.81
CA THR A 190 11.21 -11.58 4.28
CA THR A 191 14.47 -11.70 6.20
CA HIS A 192 13.03 -12.52 9.62
CA THR A 193 10.66 -15.17 8.35
CA THR A 194 13.18 -16.83 6.06
CA LEU A 195 16.32 -16.49 8.30
CA GLU A 196 15.34 -19.47 10.45
CA HIS A 197 13.67 -21.46 7.81
CA SER A 198 16.08 -21.61 5.26
CA ASP A 199 19.37 -23.27 5.40
CA CYS A 200 21.55 -20.75 3.57
CA ALA A 201 20.64 -17.55 1.80
CA PHE A 202 23.18 -16.36 -0.75
CA MET A 203 23.24 -12.64 -1.40
CA VAL A 204 24.77 -10.69 -4.29
CA ASP A 205 25.07 -6.87 -4.37
CA ASN A 206 23.87 -5.00 -7.39
CA GLU A 207 25.79 -1.81 -6.46
CA ALA A 208 29.01 -3.42 -5.26
CA ILE A 209 29.09 -5.04 -8.72
CA TYR A 210 29.00 -1.65 -10.39
CA ASP A 211 32.18 -0.73 -8.61
CA ILE A 212 33.72 -3.74 -10.27
CA CYS A 213 32.45 -2.36 -13.58
CA ARG A 214 33.94 1.03 -12.84
CA ARG A 215 37.14 0.02 -11.02
CA ASN A 216 38.11 -3.30 -12.48
CA LEU A 217 36.60 -3.49 -15.77
CA ASP A 218 36.26 0.17 -16.12
CA ILE A 219 33.33 0.45 -18.41
CA GLU A 220 30.43 2.73 -18.18
CA ARG A 221 28.33 0.25 -20.04
CA PRO A 222 27.09 -2.78 -18.14
CA THR A 223 23.43 -3.38 -18.32
CA TYR A 224 21.36 -5.79 -16.51
CA THR A 225 22.35 -8.59 -18.85
CA ASN A 226 25.83 -8.20 -17.39
CA LEU A 227 25.28 -8.20 -13.66
CA ASN A 228 23.42 -11.35 -14.51
CA ARG A 229 26.47 -12.81 -16.29
CA LEU A 230 28.37 -12.07 -13.15
CA ILE A 231 26.13 -13.63 -10.54
CA GLY A 232 25.66 -16.04 -13.41
CA GLN A 233 29.31 -16.76 -12.67
CA ILE A 234 29.57 -16.71 -8.89
CA VAL A 235 26.53 -19.00 -8.90
CA SER A 236 28.16 -21.40 -11.31
CA SER A 237 30.85 -21.78 -8.69
CA ILE A 238 28.30 -22.70 -6.08
CA THR A 239 26.16 -25.48 -7.59
CA ALA A 240 27.35 -26.33 -11.09
CA SER A 241 31.05 -27.08 -10.49
CA LEU A 242 30.75 -28.01 -6.84
CA ARG A 243 28.02 -30.53 -7.52
CA PHE A 244 30.17 -32.12 -10.11
CA ASP A 245 33.05 -33.93 -8.52
CA GLY A 246 36.46 -32.40 -7.84
CA ALA A 247 39.45 -33.51 -5.86
CA LEU A 248 37.86 -32.17 -2.78
CA ASN A 249 34.56 -33.59 -3.87
CA VAL A 250 33.15 -31.02 -1.53
CA ASP A 251 29.50 -31.70 -0.71
CA LEU A 252 26.79 -29.08 -0.17
CA THR A 253 26.02 -30.60 3.17
CA GLU A 254 29.72 -30.09 3.92
CA PHE A 255 29.07 -26.37 3.88
CA GLN A 256 26.30 -25.94 6.38
CA THR A 257 28.20 -28.45 8.56
CA ASN A 258 31.62 -26.81 8.37
CA LEU A 259 29.96 -23.39 7.97
CA VAL A 260 27.25 -23.07 10.49
CA PRO A 261 27.13 -24.62 13.78
CA TYR A 262 23.53 -24.03 13.26
CA PRO A 263 20.18 -24.40 12.45
CA ARG A 264 20.30 -20.74 11.13
CA GLY A 265 20.92 -18.84 8.71
CA HIS A 266 23.98 -16.97 9.99
CA PHE A 267 25.19 -14.76 7.26
CA PRO A 268 27.68 -15.56 4.56
CA LEU A 269 29.05 -12.90 2.37
CA ALA A 270 30.02 -13.78 -1.20
CA THR A 271 33.38 -12.74 -2.61
CA TYR A 272 34.90 -12.72 -6.00
CA ALA A 273 38.58 -13.06 -6.17
CA PRO A 274 39.52 -11.75 -9.47
CA VAL A 275 40.22 -8.10 -9.72
CA ILE A 276 41.29 -8.75 -13.21
CA SER A 277 39.36 -8.30 -16.33
CA ALA A 278 40.88 -9.73 -19.46
CA GLU A 279 41.98 -6.50 -21.01
CA LYS A 280 41.61 -4.31 -18.21
CA ALA A 281 43.32 -5.67 -15.32
CA TYR A 282 46.89 -6.68 -15.52
CA HIS A 283 48.46 -9.30 -13.35
CA GLU A 284 47.54 -10.74 -15.86
CA GLN A 285 47.95 -14.32 -14.60
CA LEU A 286 46.87 -14.56 -11.08
CA SER A 287 48.47 -17.38 -9.20
CA VAL A 288 47.24 -18.56 -5.85
CA ALA A 289 49.27 -16.43 -3.48
CA GLU A 290 47.57 -13.52 -5.27
CA ILE A 291 43.98 -14.54 -6.00
CA THR A 292 43.49 -15.43 -2.32
CA ASN A 293 44.64 -12.11 -1.04
CA ALA A 294 42.25 -10.56 -3.55
CA CYS A 295 39.33 -12.03 -1.69
CA PHE A 296 39.75 -10.22 1.60
CA GLU A 297 40.65 -6.88 -0.04
CA PRO A 298 37.79 -4.51 0.12
CA ALA A 299 37.07 -4.15 -3.56
CA ASN A 300 36.37 -7.81 -4.30
CA GLN A 301 34.14 -8.58 -1.32
CA MET A 302 31.31 -6.66 -2.84
CA VAL A 303 29.17 -7.11 0.15
CA LYS A 304 27.52 -3.90 1.03
CA CYS A 305 28.34 -4.35 4.71
CA ASP A 306 31.90 -4.43 3.52
CA PRO A 307 33.20 -5.26 6.75
CA ARG A 308 34.77 -2.42 8.59
CA HIS A 309 35.28 -4.45 11.69
CA GLY A 310 34.07 -7.80 10.58
CA LYS A 311 35.73 -10.67 12.28
CA TYR A 312 35.51 -13.94 10.45
CA MET A 313 34.24 -17.12 12.09
CA ALA A 314 34.30 -19.47 9.12
CA CYS A 315 35.20 -19.14 5.47
CA CYS A 316 34.58 -21.59 2.65
CA LEU A 317 37.28 -20.94 0.11
CA LEU A 318 35.91 -22.43 -3.06
CA TYR A 319 38.64 -22.56 -5.68
CA ARG A 320 38.23 -23.65 -9.27
CA GLY A 321 40.70 -24.17 -12.09
CA ASP A 322 44.29 -25.29 -11.80
CA VAL A 323 45.50 -25.11 -8.34
CA VAL A 324 48.16 -27.40 -6.91
CA PRO A 325 47.14 -28.03 -3.42
CA LYS A 326 50.28 -26.99 -1.53
CA ASP A 327 50.25 -23.68 -3.34
CA VAL A 328 46.84 -23.22 -1.78
CA ASN A 329 47.55 -24.94 1.51
CA ALA A 330 50.17 -22.20 1.87
CA ALA A 331 48.76 -19.18 0.07
CA ILE A 332 45.89 -19.56 2.52
CA ALA A 333 48.26 -20.20 5.43
CA THR A 334 50.00 -16.91 4.69
CA ILE A 335 46.58 -15.28 4.82
CA LYS A 336 45.44 -16.98 8.02
CA THR A 337 48.62 -15.67 9.79
CA LYS A 338 48.65 -12.12 8.49
CA ARG A 339 45.26 -11.90 11.21
CA THR A 340 44.83 -8.93 9.12
CA ILE A 341 41.20 -8.40 9.61
CA GLN A 342 40.11 -9.07 13.05
CA PHE A 343 39.61 -12.16 15.42
CA VAL A 344 36.96 -14.12 17.15
CA ASP A 345 38.13 -16.48 19.75
CA TRP A 346 35.80 -19.27 18.82
CA CYS A 347 37.28 -21.04 15.86
CA PRO A 348 40.97 -21.17 14.82
CA THR A 349 39.95 -23.60 12.20
CA GLY A 350 37.32 -24.12 9.56
CA PHE A 351 38.84 -22.52 6.56
CA LYS A 352 36.89 -24.93 4.39
CA VAL A 353 39.06 -25.42 1.31
CA GLY A 354 36.90 -26.37 -1.66
CA ILE A 355 38.81 -27.29 -4.80
CA ASN A 356 37.08 -27.99 -8.11
CA TYR A 357 39.09 -28.55 -11.11
CA GLU A 358 36.86 -27.80 -13.69
CA PRO A 359 37.29 -24.59 -15.19
CA PRO A 360 34.74 -22.01 -14.89
CA THR A 361 32.77 -22.25 -18.02
CA VAL A 362 31.65 -18.86 -18.81
CA VAL A 363 29.84 -17.34 -21.55
CA PRO A 364 32.37 -16.91 -23.91
CA GLY A 365 32.77 -13.98 -22.12
CA GLY A 366 34.12 -11.13 -24.12
CA ASP A 367 34.53 -8.34 -21.68
CA LEU A 368 35.45 -10.55 -18.83
CA ALA A 369 38.87 -11.75 -17.86
CA LYS A 370 37.61 -15.25 -16.99
CA VAL A 371 41.02 -16.06 -15.57
CA GLN A 372 41.22 -19.79 -15.36
CA ARG A 373 41.55 -19.99 -11.60
CA ALA A 374 39.37 -18.10 -9.14
CA VAL A 375 38.39 -17.93 -5.46
CA CYS A 376 34.72 -17.56 -4.51
CA MET A 377 35.16 -17.28 -0.79
CA LEU A 378 32.10 -16.78 1.32
CA SER A 379 31.96 -16.39 5.07
CA ASN A 380 30.21 -15.44 8.28
CA THR A 381 31.77 -12.27 9.64
CA THR A 382 30.81 -10.24 12.93
CA ALA A 383 30.86 -6.82 10.53
CA ILE A 384 26.74 -7.59 9.40
CA ALA A 385 26.25 -6.68 13.11
CA GLU A 386 26.49 -3.29 11.47
CA ALA A 387 24.75 -3.66 8.10
CA TRP A 388 21.76 -5.26 9.83
CA ALA A 389 21.75 -2.60 12.51
CA ARG A 390 21.83 0.29 10.05
CA LEU A 391 19.04 -1.38 8.08
CA ASP A 392 16.91 -2.13 11.07
CA HIS A 393 17.10 1.42 12.40
CA LYS A 394 15.86 2.61 8.99
CA PHE A 395 12.74 0.50 9.39
CA ASP A 396 11.83 1.88 12.81
CA LEU A 397 12.01 5.47 11.73
CA MET A 398 9.24 4.80 9.23
CA TYR A 399 7.29 2.25 11.18
CA ALA A 400 7.41 4.69 14.12
CA LYS A 401 6.53 7.47 11.68
CA ARG A 402 3.12 6.09 10.93
CA ALA A 403 0.85 5.15 9.59
CA PHE A 404 2.78 3.60 6.83
CA VAL A 405 1.85 0.61 8.65
CA HIS A 406 -1.89 0.86 7.65
CA TRP A 407 -1.36 -0.89 4.34
CA TYR A 408 -0.52 -4.18 5.93
CA VAL A 409 -2.67 -4.11 9.04
CA GLY A 410 -5.79 -3.69 6.92
CA GLU A 411 -4.56 -6.24 4.52
CA GLY A 412 -4.61 -8.78 7.13
CA MET A 413 -0.98 -8.86 7.84
CA GLU A 414 -0.64 -7.78 11.32
CA GLU A 415 1.00 -5.49 13.77
CA GLY A 416 2.35 -8.84 14.86
CA GLU A 417 4.65 -9.80 12.04
CA PHE A 418 6.27 -6.37 12.08
CA SER A 419 6.70 -5.79 15.80
CA GLU A 420 7.48 -9.44 16.26
CA ALA A 421 10.12 -9.48 13.51
CA ARG A 422 11.65 -6.35 14.91
CA GLU A 423 12.11 -8.03 18.30
CA ASP A 424 13.55 -10.83 16.16
CA MET A 425 16.45 -8.89 14.74
CA ALA A 426 16.87 -7.14 18.08
CA ALA A 427 18.39 -10.42 19.32
CA LEU A 428 20.52 -10.41 16.20
CA GLU A 429 22.05 -7.13 17.31
CA LYS A 430 22.74 -8.84 20.66
CA ASP A 431 23.83 -11.83 18.66
CA TYR A 432 26.00 -10.02 16.11
CA GLU A 433 27.32 -8.10 19.10
CA GLU A 434 28.17 -11.00 21.40
CA VAL A 435 29.68 -13.33 18.80
CA GLY A 436 32.37 -10.76 18.56
CA VAL A 437 33.93 -10.01 20.31
CA ASP A 438 33.45 -13.50 21.63
CA SER A 439 33.34 -14.22 25.37
CA ARG B 2 -6.06 -6.56 -18.94
CA GLU B 3 -7.89 -3.60 -20.05
CA ILE B 4 -7.41 0.16 -19.97
CA VAL B 5 -10.42 2.29 -20.34
CA HIS B 6 -10.80 6.00 -21.12
CA ILE B 7 -13.53 8.55 -20.44
CA GLN B 8 -13.87 11.83 -22.44
CA ALA B 9 -16.13 13.92 -20.17
CA GLY B 10 -17.10 17.42 -21.23
CA GLN B 11 -15.92 19.43 -24.33
CA CYS B 12 -12.34 19.85 -23.32
CA GLY B 13 -11.88 16.32 -22.07
CA ASN B 14 -13.38 15.53 -25.43
CA GLN B 15 -11.33 17.90 -27.62
CA ILE B 16 -8.30 16.29 -25.95
CA GLY B 17 -9.72 12.85 -26.63
CA ALA B 18 -9.22 13.63 -30.28
CA LYS B 19 -5.60 14.50 -29.57
CA PHE B 20 -4.95 11.67 -27.15
CA TRP B 21 -6.27 9.26 -29.73
CA GLU B 22 -4.73 11.15 -32.62
CA VAL B 23 -1.40 10.34 -31.01
CA ILE B 24 -1.78 6.97 -29.33
CA SER B 25 -3.09 5.49 -32.58
CA ASP B 26 0.05 6.46 -34.54
CA GLU B 27 2.01 5.30 -31.55
CA HIS B 28 0.53 1.96 -32.29
CA GLY B 29 1.12 2.87 -36.00
CA ILE B 30 -2.13 1.36 -36.90
CA ASP B 31 -4.37 4.04 -38.14
CA PRO B 32 -7.68 2.52 -38.75
CA THR B 33 -7.90 4.30 -42.08
CA GLY B 34 -4.80 2.95 -43.09
CA SER B 35 -1.88 2.59 -45.27
CA TYR B 36 0.85 1.69 -43.90
CA HIS B 37 3.69 3.99 -42.80
CA GLY B 38 3.60 1.18 -41.03
CA ASP B 39 6.57 -0.81 -40.27
CA SER B 40 7.07 -1.54 -36.79
CA ASP B 41 7.42 -5.13 -35.88
CA LEU B 42 6.86 -5.28 -32.62
CA GLN B 43 3.77 -3.42 -32.15
CA LEU B 44 2.70 -5.47 -35.04
CA GLU B 45 2.78 -8.54 -33.02
CA ARG B 46 0.70 -7.06 -30.40
CA ILE B 47 -2.13 -6.26 -31.93
CA ASN B 48 -2.80 -9.57 -32.75
CA VAL B 49 -2.81 -11.21 -29.32
CA TYR B 50 -5.57 -9.84 -27.61
CA TYR B 51 -8.21 -10.52 -29.10
CA ASN B 52 -11.80 -10.37 -30.19
CA GLU B 53 -12.90 -8.24 -33.06
CA ALA B 54 -16.16 -9.09 -34.65
CA ALA B 55 -16.23 -7.46 -37.97
CA GLY B 56 -12.56 -7.19 -38.33
CA ASN B 57 -12.98 -3.91 -40.02
CA LYS B 58 -15.22 -2.69 -37.26
CA TYR B 59 -15.33 -3.34 -33.63
CA VAL B 60 -16.59 -1.62 -30.49
CA PRO B 61 -14.66 1.25 -29.27
CA ARG B 62 -12.84 1.66 -26.31
CA ALA B 63 -13.18 4.98 -24.50
CA ILE B 64 -16.44 6.92 -23.57
CA LEU B 65 -17.44 10.26 -25.09
CA VAL B 66 -19.77 12.06 -22.72
CA ASP B 67 -21.08 15.54 -23.61
CA LEU B 68 -24.41 17.43 -23.27
CA GLU B 69 -23.90 20.00 -25.95
CA PRO B 70 -24.15 19.00 -29.53
CA GLY B 71 -21.79 21.52 -31.19
CA THR B 72 -18.81 19.56 -29.81
CA MET B 73 -19.40 16.08 -31.18
CA ASP B 74 -20.75 17.96 -34.20
CA SER B 75 -17.27 19.44 -34.69
CA VAL B 76 -15.52 16.12 -34.17
CA ARG B 77 -17.99 14.34 -36.46
CA SER B 78 -17.12 16.78 -39.11
CA GLY B 79 -13.54 16.12 -38.47
CA PRO B 80 -11.41 13.49 -39.77
CA PHE B 81 -12.10 11.93 -36.47
CA GLY B 82 -15.72 11.55 -37.00
CA GLN B 83 -16.63 9.72 -40.11
CA ILE B 84 -14.79 6.68 -38.98
CA PHE B 85 -16.23 6.66 -35.48
CA ARG B 86 -19.34 4.86 -34.51
CA PRO B 87 -22.03 6.85 -33.45
CA ASP B 88 -22.48 4.47 -30.58
CA ASN B 89 -20.21 6.19 -28.52
CA PHE B 90 -21.58 9.36 -28.57
CA VAL B 91 -23.92 9.68 -25.60
CA PHE B 92 -25.23 13.18 -26.23
CA GLY B 93 -27.96 15.11 -24.47
CA GLN B 94 -30.51 17.39 -26.03
CA SER B 95 -29.42 20.04 -23.70
CA GLY B 96 -28.02 22.42 -23.65
CA ALA B 97 -26.03 22.21 -20.41
CA GLY B 98 -24.51 25.57 -20.91
CA ASN B 99 -22.19 26.31 -18.05
CA ASN B 100 -23.36 25.00 -14.63
CA TRP B 101 -21.65 22.51 -12.47
CA ALA B 102 -25.08 21.80 -11.25
CA LYS B 103 -26.88 21.46 -14.54
CA GLY B 104 -24.66 18.52 -15.40
CA HIS B 105 -24.53 16.87 -12.00
CA TYR B 106 -28.06 17.11 -10.58
CA THR B 107 -30.54 18.06 -13.22
CA GLU B 108 -29.45 17.41 -16.73
CA GLY B 109 -26.54 15.02 -16.29
CA ALA B 110 -28.22 12.93 -13.63
CA GLU B 111 -30.54 11.60 -16.31
CA LEU B 112 -27.90 10.72 -18.90
CA VAL B 113 -25.92 8.96 -16.16
CA ASP B 114 -27.74 5.61 -16.11
CA SER B 115 -27.35 5.40 -19.90
CA VAL B 116 -23.63 5.85 -19.26
CA LEU B 117 -23.04 3.51 -16.33
CA ASP B 118 -24.78 1.02 -18.59
CA VAL B 119 -21.89 1.17 -21.02
CA VAL B 120 -19.14 1.71 -18.42
CA ARG B 121 -20.28 -1.79 -17.34
CA LYS B 122 -20.45 -3.20 -20.85
CA GLU B 123 -16.81 -2.14 -21.19
CA SER B 124 -15.70 -3.19 -17.71
CA GLU B 125 -17.06 -6.66 -17.68
CA SER B 126 -16.37 -7.50 -21.16
CA CYS B 127 -13.06 -9.05 -20.99
CA ASP B 128 -10.26 -10.15 -18.72
CA CYS B 129 -9.00 -8.16 -15.82
CA LEU B 130 -10.03 -4.58 -15.80
CA GLN B 131 -7.47 -2.34 -14.11
CA GLY B 132 -9.15 1.09 -14.02
CA PHE B 133 -10.55 3.99 -16.06
CA GLN B 134 -8.90 7.11 -17.47
CA LEU B 135 -10.87 10.32 -17.07
CA THR B 136 -10.30 13.55 -18.98
CA HIS B 137 -12.20 16.78 -18.42
CA SER B 138 -12.04 20.36 -17.21
CA LEU B 139 -13.15 21.57 -13.88
CA GLY B 140 -13.96 24.67 -15.81
CA GLY B 141 -17.25 23.50 -17.11
CA GLY B 142 -20.35 21.45 -17.17
CA THR B 143 -20.06 18.03 -18.80
CA GLY B 144 -16.56 17.89 -17.42
CA SER B 145 -16.40 18.83 -13.77
CA GLY B 146 -20.03 18.33 -12.89
CA MET B 147 -21.29 15.35 -14.85
CA GLY B 148 -17.93 13.56 -14.90
CA THR B 149 -17.43 14.21 -11.22
CA LEU B 150 -20.76 12.52 -10.72
CA LEU B 151 -19.92 9.57 -12.92
CA ILE B 152 -17.19 8.75 -10.46
CA SER B 153 -19.11 9.37 -7.24
CA LYS B 154 -21.36 6.62 -8.61
CA ILE B 155 -18.55 4.42 -9.89
CA ARG B 156 -16.89 4.57 -6.40
CA GLU B 157 -20.09 3.29 -4.81
CA GLU B 158 -20.37 0.45 -7.26
CA TYR B 159 -16.73 -0.44 -7.27
CA PRO B 160 -14.05 -0.66 -4.74
CA ASP B 161 -12.21 -2.55 -7.10
CA ARG B 162 -10.79 -0.70 -9.92
CA ILE B 163 -8.55 2.22 -10.12
CA MET B 164 -9.49 5.72 -11.25
CA ASN B 165 -6.95 8.08 -12.76
CA THR B 166 -8.28 11.53 -13.31
CA PHE B 167 -6.81 14.08 -15.70
CA SER B 168 -8.23 17.44 -14.65
CA VAL B 169 -7.68 21.13 -15.79
CA VAL B 170 -7.35 23.21 -13.12
CA PRO B 171 -9.38 26.21 -14.35
CA SER B 172 -6.85 28.88 -14.84
CA PRO B 173 -5.66 30.63 -12.07
CA LYS B 174 -4.64 33.47 -14.23
CA VAL B 175 -8.01 35.17 -14.06
CA SER B 176 -11.54 34.06 -13.71
CA ASP B 177 -13.13 33.42 -17.04
CA THR B 178 -16.48 33.59 -15.35
CA VAL B 179 -18.07 34.41 -12.10
CA VAL B 180 -19.41 30.93 -12.48
CA GLU B 181 -15.55 28.96 -12.72
CA PRO B 182 -14.67 28.91 -9.05
CA TYR B 183 -18.20 27.99 -7.97
CA ASN B 184 -18.63 25.15 -10.44
CA ALA B 185 -15.00 24.24 -9.73
CA THR B 186 -14.50 24.32 -5.99
CA LEU B 187 -17.69 22.27 -5.88
CA SER B 188 -16.45 19.58 -8.24
CA VAL B 189 -12.88 19.26 -6.91
CA HIS B 190 -14.56 18.58 -3.58
CA GLN B 191 -16.36 15.53 -5.11
CA LEU B 192 -13.10 14.47 -6.79
CA VAL B 193 -11.15 14.30 -3.44
CA GLU B 194 -13.14 12.04 -1.89
CA ASN B 195 -13.19 10.16 -4.58
CA THR B 196 -10.63 8.91 -7.27
CA ASP B 197 -7.30 8.23 -6.02
CA GLU B 198 -5.01 9.33 -8.90
CA THR B 199 -5.49 12.79 -10.41
CA TYR B 200 -3.18 14.55 -12.83
CA CYS B 201 -3.70 18.18 -13.19
CA ILE B 202 -2.76 20.59 -15.98
CA ASP B 203 -3.35 24.44 -16.12
CA ASN B 204 -3.93 26.06 -19.57
CA GLU B 205 -1.65 29.00 -18.83
CA ALA B 206 1.08 26.83 -17.39
CA LEU B 207 0.91 25.28 -20.85
CA TYR B 208 0.93 28.48 -22.82
CA ASP B 209 4.07 29.48 -20.97
CA ILE B 210 5.66 26.08 -21.35
CA CYS B 211 4.41 26.18 -24.94
CA PHE B 212 5.41 29.71 -25.91
CA ARG B 213 8.72 29.88 -24.12
CA THR B 214 9.81 26.62 -25.51
CA LEU B 215 8.42 27.08 -28.93
CA LYS B 216 9.23 29.72 -31.47
CA LEU B 217 5.58 30.47 -31.84
CA THR B 218 4.14 32.92 -29.49
CA THR B 219 0.77 31.62 -28.95
CA PRO B 220 -0.02 28.20 -28.79
CA THR B 221 -2.92 26.78 -30.75
CA TYR B 222 -5.17 24.59 -28.74
CA GLY B 223 -4.19 21.54 -30.76
CA ASP B 224 -0.73 22.21 -29.42
CA LEU B 225 -1.51 22.60 -25.73
CA ASN B 226 -3.56 19.43 -26.07
CA HIS B 227 -0.68 17.82 -27.90
CA LEU B 228 1.77 18.70 -25.12
CA VAL B 229 -0.57 17.36 -22.45
CA SER B 230 -1.26 14.14 -24.35
CA ALA B 231 2.53 13.81 -24.44
CA THR B 232 2.64 13.47 -20.66
CA MET B 233 -0.31 11.09 -20.25
CA SER B 234 1.51 8.80 -22.73
CA GLY B 235 4.69 8.82 -20.63
CA VAL B 236 2.60 7.94 -17.59
CA THR B 237 0.40 5.01 -18.57
CA THR B 238 1.16 3.38 -21.93
CA CYS B 239 4.84 3.94 -21.29
CA LEU B 240 5.11 1.91 -18.11
CA ARG B 241 3.25 -0.93 -19.71
CA PHE B 242 6.16 -2.84 -21.99
CA PRO B 243 9.37 -3.76 -20.43
CA GLY B 244 11.07 -2.25 -19.28
CA GLN B 245 13.80 -2.70 -17.01
CA LEU B 246 10.93 -3.50 -14.77
CA ASN B 247 7.33 -3.19 -15.50
CA ALA B 248 4.76 -1.61 -13.39
CA ASP B 249 1.36 -0.71 -14.21
CA LEU B 250 -1.41 1.50 -12.97
CA ARG B 251 -1.86 0.04 -9.53
CA LYS B 252 1.83 -0.64 -8.78
CA LEU B 253 2.25 2.93 -9.98
CA ALA B 254 -0.59 3.94 -7.73
CA VAL B 255 0.27 1.67 -4.81
CA ASN B 256 3.86 2.91 -4.79
CA MET B 257 3.21 6.54 -5.42
CA VAL B 258 0.46 7.27 -2.99
CA PRO B 259 0.40 5.25 0.01
CA PHE B 260 -2.57 7.31 0.63
CA PRO B 261 -3.94 6.78 -2.00
CA ARG B 262 -6.94 8.75 -2.20
CA LEU B 263 -5.78 12.20 -2.74
CA HIS B 264 -3.13 14.21 -3.45
CA PHE B 265 -2.61 16.10 -6.82
CA PHE B 266 0.58 15.84 -8.77
CA MET B 267 2.39 18.16 -11.12
CA PRO B 268 3.54 16.61 -14.39
CA GLY B 269 6.67 17.67 -16.27
CA PHE B 270 8.23 16.65 -19.56
CA ALA B 271 12.06 16.01 -19.11
CA PRO B 272 12.36 17.19 -23.22
CA LEU B 273 11.73 20.12 -24.14
CA THR B 274 13.12 22.46 -27.01
CA SER B 275 11.98 24.45 -29.84
CA ARG B 276 13.03 22.42 -32.73
CA GLY B 277 15.71 24.35 -34.46
CA SER B 278 17.73 26.26 -31.84
CA GLN B 279 16.65 24.47 -28.60
CA GLN B 280 16.74 20.76 -29.48
CA TYR B 281 20.09 19.86 -28.89
CA ARG B 282 18.79 16.90 -28.49
CA ALA B 283 21.05 15.97 -25.62
CA LEU B 284 19.38 13.14 -23.85
CA THR B 285 21.94 12.50 -21.42
CA VAL B 286 20.82 13.43 -17.91
CA PRO B 287 21.34 16.77 -16.57
CA GLU B 288 19.35 18.70 -19.11
CA LEU B 289 16.21 16.66 -18.53
CA THR B 290 16.38 16.95 -14.75
CA GLN B 291 17.23 20.58 -15.28
CA GLN B 292 13.94 20.77 -17.15
CA MET B 293 11.50 18.60 -15.17
CA PHE B 294 12.47 19.63 -11.56
CA ASP B 295 12.68 23.49 -12.32
CA ALA B 296 10.40 26.08 -10.88
CA LYS B 297 9.95 26.96 -14.48
CA ASN B 298 8.47 24.56 -16.74
CA MET B 299 6.37 23.28 -13.89
CA MET B 300 2.87 22.31 -14.78
CA ALA B 301 1.91 23.80 -11.58
CA ALA B 302 2.53 27.42 -10.91
CA CYS B 303 3.39 26.24 -7.48
CA ASP B 304 7.06 25.51 -7.15
CA PRO B 305 8.83 22.41 -6.57
CA ARG B 306 11.23 24.08 -4.18
CA HIS B 307 8.44 24.67 -1.87
CA GLY B 308 6.63 21.45 -2.35
CA ARG B 309 7.35 18.32 -0.45
CA TYR B 310 6.60 15.02 -1.35
CA LEU B 311 4.40 12.38 -1.57
CA THR B 312 6.92 11.05 -4.15
CA VAL B 313 8.68 11.91 -7.33
CA ALA B 314 8.42 9.57 -10.28
CA ALA B 315 10.74 10.09 -13.18
CA VAL B 316 9.06 7.85 -15.66
CA PHE B 317 11.79 7.82 -18.35
CA ARG B 318 11.18 6.12 -21.71
CA GLY B 319 14.21 5.80 -23.95
CA ARG B 320 17.41 3.92 -24.02
CA MET B 321 19.64 4.56 -21.07
CA SER B 322 22.19 2.69 -19.18
CA MET B 323 21.43 1.46 -15.69
CA LYS B 324 24.67 2.99 -14.53
CA GLU B 325 24.33 6.55 -15.82
CA VAL B 326 20.77 6.39 -14.54
CA ASP B 327 21.28 4.77 -11.20
CA GLU B 328 24.29 7.04 -10.77
CA GLN B 329 22.91 10.47 -11.66
CA MET B 330 19.97 9.90 -9.31
CA LEU B 331 22.52 9.75 -6.52
CA ASN B 332 24.44 13.00 -6.96
CA VAL B 333 21.00 14.50 -7.32
CA GLN B 334 20.15 12.98 -3.94
CA ASN B 335 23.31 14.46 -2.45
CA LYS B 336 23.48 17.90 -4.07
CA ASN B 337 20.15 18.14 -2.34
CA SER B 338 21.57 18.16 1.08
CA SER B 339 20.35 15.02 2.69
CA TYR B 340 17.80 15.07 1.27
CA PHE B 341 15.51 12.56 2.83
CA VAL B 342 13.07 15.23 3.32
CA GLU B 343 11.47 15.29 6.54
CA TRP B 344 8.16 14.05 6.25
CA ILE B 345 8.47 11.06 4.01
CA PRO B 346 10.78 8.40 4.60
CA ASN B 347 11.69 7.76 1.02
CA ASN B 348 12.26 9.33 -2.19
CA VAL B 349 12.24 9.42 -5.94
CA LYS B 350 10.66 6.53 -7.81
CA THR B 351 12.82 5.85 -10.82
CA ALA B 352 10.91 4.21 -13.62
CA VAL B 353 12.37 3.16 -16.95
CA CYS B 354 10.60 2.20 -20.15
CA ASP B 355 12.57 0.67 -22.91
CA ILE B 356 11.68 2.71 -25.84
CA PRO B 357 12.55 6.04 -26.89
CA PRO B 358 10.11 8.23 -28.48
CA ARG B 359 10.48 8.61 -32.13
CA GLY B 360 12.40 11.91 -32.33
CA LEU B 361 13.63 11.97 -28.86
CA LYS B 362 16.37 9.90 -27.52
CA MET B 363 14.03 9.76 -24.59
CA SER B 364 11.31 11.40 -22.48
CA ALA B 365 11.14 11.23 -19.12
CA THR B 366 7.79 12.14 -17.64
CA PHE B 367 7.88 13.69 -14.19
CA ILE B 368 5.10 13.20 -11.70
CA GLY B 369 5.79 15.22 -8.59
CA ASN B 370 4.17 15.87 -5.42
CA SER B 371 4.78 19.32 -3.97
CA THR B 372 3.60 21.11 -1.02
CA ALA B 373 3.51 24.30 -2.95
CA ILE B 374 -0.14 23.16 -3.88
CA GLN B 375 -1.25 24.31 -0.90
CA GLU B 376 -0.91 27.70 -2.55
CA LEU B 377 -3.51 26.81 -5.15
CA PHE B 378 -6.40 25.39 -3.25
CA LYS B 379 -5.82 28.52 -1.21
CA ARG B 380 -6.35 30.55 -4.34
CA ILE B 381 -9.46 28.67 -5.36
CA SER B 382 -10.80 28.70 -1.81
CA GLU B 383 -10.23 32.44 -1.66
CA GLN B 384 -12.13 33.23 -4.87
CA PHE B 385 -15.02 31.27 -3.42
CA THR B 386 -15.45 33.15 -0.15
CA ALA B 387 -14.94 36.56 -1.81
CA MET B 388 -17.96 35.70 -3.95
CA PHE B 389 -19.77 33.26 -1.80
CA ARG B 390 -19.93 35.93 0.87
CA ARG B 391 -21.38 38.48 -1.47
CA LYS B 392 -24.13 36.03 -2.11
CA ALA B 393 -25.56 37.87 -4.86
CA PHE B 394 -24.52 34.87 -6.83
CA LEU B 395 -25.60 32.60 -4.07
CA HIS B 396 -29.40 32.53 -4.97
CA TRP B 397 -29.20 30.72 -8.33
CA TYR B 398 -27.63 27.81 -6.50
CA THR B 399 -29.55 27.62 -3.24
CA GLY B 400 -32.71 28.35 -5.17
CA GLU B 401 -31.56 25.72 -7.75
CA GLY B 402 -31.76 23.35 -4.87
CA MET B 403 -27.99 23.20 -4.60
CA ASP B 404 -27.53 23.28 -0.91
CA GLU B 405 -26.26 26.15 1.12
CA MET B 406 -24.43 23.54 3.18
CA GLU B 407 -22.99 21.88 0.06
CA PHE B 408 -20.79 24.84 -0.77
CA THR B 409 -19.86 25.14 2.88
CA GLU B 410 -18.81 21.52 2.84
CA ALA B 411 -16.52 21.66 -0.17
CA GLU B 412 -14.72 24.86 0.73
CA SER B 413 -14.01 23.61 4.23
CA ASN B 414 -12.91 20.18 3.01
CA MET B 415 -10.71 21.54 0.25
CA ASN B 416 -9.80 24.36 2.64
CA ASP B 417 -8.63 21.88 5.27
CA LEU B 418 -6.78 20.14 2.46
CA VAL B 419 -4.61 23.29 2.34
CA SER B 420 -4.00 23.05 6.04
CA GLU B 421 -2.73 19.46 6.05
CA TYR B 422 -0.34 20.00 3.13
CA GLN B 423 1.43 22.56 5.34
CA GLN B 424 1.84 19.95 8.06
CA TYR B 425 4.78 18.70 6.01
CA GLN B 426 6.19 21.96 4.67
CA ASP B 427 6.83 22.55 8.34
CA ASN C 6 10.86 28.14 26.55
CA SER C 7 9.20 29.55 29.60
CA SER C 8 5.93 27.88 30.39
CA ALA C 9 3.46 27.98 33.19
CA LYS C 10 2.23 24.78 34.69
CA LYS C 11 -1.50 24.36 34.57
CA LYS C 12 -3.39 22.14 36.91
CA GLU C 13 -6.42 20.36 35.61
CA GLU C 14 -9.11 20.25 38.23
CA LYS C 15 -11.39 18.63 35.71
CA GLY C 16 -10.99 14.90 35.50
CA LYS C 17 -8.77 13.94 32.63
CA ASN C 18 -10.27 10.53 32.35
CA ILE C 19 -12.88 9.66 29.85
CA GLN C 20 -14.30 6.67 31.50
CA VAL C 21 -12.74 3.38 30.28
CA VAL C 22 -13.56 0.05 31.90
CA VAL C 23 -12.51 -3.47 31.00
CA ARG C 24 -14.63 -6.60 31.09
CA VAL C 25 -13.07 -10.06 30.83
CA ARG C 26 -15.66 -12.59 29.57
CA PRO C 27 -16.68 -16.02 30.63
CA PHE C 28 -15.34 -18.95 28.94
CA ASN C 29 -15.82 -20.76 25.77
CA LEU C 30 -14.82 -23.79 23.71
CA ALA C 31 -11.85 -22.37 21.82
CA GLU C 32 -10.15 -21.46 25.10
CA ARG C 33 -10.63 -24.92 26.61
CA LYS C 34 -9.45 -26.70 23.48
CA ALA C 35 -6.44 -24.39 23.45
CA SER C 36 -5.69 -25.59 26.96
CA ALA C 37 -3.42 -22.61 27.36
CA HIS C 38 -3.31 -20.43 30.39
CA SER C 39 -4.00 -16.84 30.53
CA ILE C 40 -1.67 -14.21 30.36
CA VAL C 41 -4.63 -12.36 31.51
CA GLU C 42 -4.57 -11.64 35.23
CA SER C 43 -7.35 -9.44 36.56
CA ASP C 44 -7.29 -7.96 40.03
CA PRO C 45 -10.61 -6.22 40.43
CA VAL C 46 -10.20 -4.91 43.92
CA ARG C 47 -6.99 -3.39 42.67
CA LYS C 48 -8.61 -2.63 39.45
CA GLU C 49 -5.56 -3.93 37.74
CA VAL C 50 -5.16 -6.01 34.60
CA SER C 51 -1.72 -7.49 33.99
CA VAL C 52 -0.60 -9.01 30.72
CA ARG C 53 2.32 -11.40 30.31
CA THR C 54 4.20 -9.87 27.36
CA GLY C 55 6.03 -13.12 26.79
CA GLY C 56 3.14 -15.49 27.24
CA LEU C 57 4.95 -18.83 27.81
CA ALA C 58 8.63 -17.74 27.26
CA ASP C 59 8.34 -14.80 29.42
CA LYS C 60 6.35 -15.62 32.55
CA SER C 61 7.93 -13.16 34.82
CA SER C 62 7.35 -10.11 32.98
CA ARG C 63 4.06 -8.33 32.71
CA LYS C 64 2.38 -5.14 31.50
CA THR C 65 0.02 -3.77 34.13
CA TYR C 66 -2.75 -1.24 33.65
CA THR C 67 -4.93 0.39 36.25
CA PHE C 68 -8.55 0.89 35.24
CA ASP C 69 -11.25 3.21 36.21
CA MET C 70 -13.16 0.00 36.54
CA VAL C 71 -12.26 -3.63 35.96
CA PHE C 72 -14.73 -6.49 35.65
CA GLY C 73 -13.61 -9.81 35.21
CA ALA C 74 -14.81 -13.12 34.35
CA SER C 75 -17.27 -13.47 37.29
CA THR C 76 -18.86 -10.24 36.56
CA LYS C 77 -22.44 -10.86 35.55
CA GLN C 78 -24.61 -8.77 33.29
CA ILE C 79 -26.33 -7.00 36.19
CA ASP C 80 -22.90 -6.10 37.62
CA VAL C 81 -21.82 -4.37 34.42
CA TYR C 82 -25.12 -2.51 34.27
CA ARG C 83 -25.22 -1.32 37.90
CA SER C 84 -21.59 -0.21 37.74
CA VAL C 85 -21.46 1.28 34.24
CA VAL C 86 -24.93 2.02 32.84
CA ALA C 87 -26.93 3.25 35.82
CA PRO C 88 -24.74 6.36 36.29
CA ILE C 89 -24.86 7.02 32.55
CA LEU C 90 -28.64 6.75 32.49
CA ASP C 91 -29.03 9.48 35.10
CA GLU C 92 -26.76 11.75 33.08
CA VAL C 93 -29.01 11.27 30.08
CA ILE C 94 -31.98 12.25 32.24
CA MET C 95 -29.91 15.30 33.09
CA GLY C 96 -29.94 16.16 29.48
CA TYR C 97 -26.43 15.25 28.51
CA ASN C 98 -25.19 13.95 25.38
CA ALA C 99 -23.77 10.59 26.38
CA THR C 100 -22.16 7.67 24.63
CA ILE C 101 -21.21 4.17 25.67
CA PHE C 102 -19.49 1.85 23.24
CA ALA C 103 -18.17 -1.70 23.55
CA TYR C 104 -14.76 -2.29 21.98
CA GLY C 105 -12.71 -5.45 21.54
CA GLN C 106 -11.88 -8.54 19.59
CA THR C 107 -14.67 -10.88 18.52
CA GLY C 108 -15.59 -13.52 21.00
CA THR C 109 -15.58 -10.99 23.75
CA GLY C 110 -19.26 -10.97 24.21
CA LYS C 111 -19.68 -7.31 23.26
CA THR C 112 -22.95 -8.17 21.57
CA PHE C 113 -23.82 -10.75 24.20
CA THR C 114 -23.33 -7.99 26.78
CA MET C 115 -25.12 -5.16 24.96
CA GLU C 116 -28.02 -7.19 23.54
CA GLY C 117 -27.91 -9.90 26.23
CA GLU C 118 -29.78 -13.16 25.91
CA ARG C 119 -33.03 -14.46 27.28
CA SER C 120 -33.56 -17.29 29.68
CA PRO C 121 -34.64 -20.39 27.95
CA ASN C 122 -38.12 -21.82 28.22
CA GLU C 123 -39.27 -18.45 29.38
CA GLU C 124 -43.03 -18.35 29.40
CA TYR C 125 -45.85 -17.12 31.57
CA CYS C 126 -43.86 -18.50 34.42
CA TRP C 127 -41.36 -15.76 34.84
CA GLU C 128 -37.81 -16.74 34.15
CA GLU C 129 -34.66 -15.24 35.50
CA ASP C 130 -33.70 -11.83 34.21
CA PRO C 131 -29.91 -12.00 34.48
CA LEU C 132 -29.16 -12.79 30.83
CA ALA C 133 -30.43 -9.45 29.55
CA GLY C 134 -27.75 -7.14 28.29
CA ILE C 135 -26.91 -3.50 29.05
CA ILE C 136 -29.26 -2.33 26.31
CA PRO C 137 -32.38 -4.22 27.42
CA ARG C 138 -31.83 -2.95 31.00
CA THR C 139 -31.26 0.63 29.90
CA LEU C 140 -34.46 0.88 27.86
CA HIS C 141 -36.35 -0.32 30.94
CA GLN C 142 -34.54 2.04 33.31
CA ILE C 143 -34.82 5.03 30.97
CA PHE C 144 -38.60 5.13 31.34
CA GLU C 145 -38.49 4.42 35.06
CA LYS C 146 -36.22 7.40 35.71
CA LEU C 147 -38.03 9.68 33.26
CA THR C 148 -41.44 8.97 34.79
CA ASP C 149 -39.92 9.41 38.24
CA ASN C 150 -38.40 12.71 37.10
CA GLY C 151 -41.78 13.95 36.06
CA THR C 152 -40.51 16.33 33.52
CA GLU C 153 -42.91 16.57 30.62
CA PHE C 154 -41.04 14.19 28.35
CA SER C 155 -40.89 12.63 24.93
CA VAL C 156 -38.70 9.66 24.04
CA LYS C 157 -37.39 8.96 20.55
CA VAL C 158 -35.25 6.01 19.42
CA SER C 159 -33.24 5.03 16.34
CA LEU C 160 -31.09 2.07 15.38
CA LEU C 161 -28.69 1.87 12.47
CA GLU C 162 -25.76 -0.29 11.57
CA ILE C 163 -22.61 0.72 9.78
CA TYR C 164 -21.97 -2.07 7.30
CA ASN C 165 -18.91 -1.64 5.11
CA GLU C 166 -19.05 2.02 5.65
CA GLU C 167 -22.59 2.38 4.54
CA LEU C 168 -25.48 3.24 6.85
CA PHE C 169 -28.67 1.18 7.04
CA ASP C 170 -31.73 1.94 9.20
CA LEU C 171 -32.52 -1.13 11.09
CA LEU C 172 -35.73 0.17 12.65
CA ASN C 173 -36.99 0.86 9.28
CA PRO C 174 -40.26 -0.39 8.41
CA SER C 175 -39.76 -0.39 4.75
CA SER C 176 -38.84 -3.57 3.08
CA ASP C 177 -35.74 -2.20 1.53
CA VAL C 178 -32.81 -1.20 3.49
CA SER C 179 -33.16 2.37 3.85
CA GLU C 180 -31.63 5.27 2.05
CA ARG C 181 -28.39 6.57 2.98
CA LEU C 182 -27.97 9.55 5.14
CA GLN C 183 -26.31 12.62 4.11
CA MET C 184 -24.32 14.55 6.62
CA PHE C 185 -24.01 18.30 7.33
CA ASP C 186 -22.25 20.43 9.94
CA ASP C 187 -24.10 22.01 12.80
CA PRO C 188 -23.74 25.70 12.74
CA ARG C 189 -25.00 25.46 16.20
CA ASN C 190 -22.18 23.54 17.64
CA LYS C 191 -18.70 24.36 16.86
CA ARG C 192 -17.98 20.83 15.75
CA GLY C 193 -20.33 18.19 14.98
CA VAL C 194 -22.81 17.08 12.57
CA ILE C 195 -26.38 16.55 11.51
CA ILE C 196 -27.51 13.37 9.80
CA LYS C 197 -30.47 14.53 7.89
CA GLY C 198 -33.07 12.16 6.94
CA LEU C 199 -32.98 9.84 9.76
CA GLU C 200 -36.41 8.85 10.75
CA GLU C 201 -36.71 7.76 14.34
CA ILE C 202 -39.60 6.39 16.43
CA THR C 203 -41.41 8.06 19.31
CA VAL C 204 -41.89 5.51 22.09
CA HIS C 205 -44.12 5.88 25.09
CA ASN C 206 -42.33 3.12 26.88
CA LYS C 207 -40.32 -0.05 26.56
CA ASP C 208 -42.96 -2.25 24.92
CA GLU C 209 -43.27 0.12 21.98
CA VAL C 210 -39.50 0.34 21.69
CA TYR C 211 -38.97 -3.41 22.08
CA GLN C 212 -41.28 -4.26 19.18
CA ILE C 213 -39.43 -1.81 16.94
CA LEU C 214 -35.99 -2.85 18.19
CA GLU C 215 -36.26 -6.61 17.66
CA LYS C 216 -37.54 -6.16 14.12
CA GLY C 217 -34.79 -3.64 13.47
CA ALA C 218 -31.90 -5.67 14.89
CA ALA C 219 -33.27 -8.73 13.13
CA LYS C 220 -32.75 -7.22 9.69
CA ARG C 221 -29.28 -5.92 10.74
CA THR C 222 -27.04 -7.92 8.71
CA THR C 223 -25.29 -10.84 9.41
CA ALA C 224 -22.57 -13.15 8.13
CA ALA C 225 -20.41 -16.06 8.93
CA THR C 226 -16.80 -15.75 9.55
CA LEU C 227 -14.80 -18.85 11.07
CA MET C 228 -15.72 -17.60 14.31
CA ASN C 229 -19.09 -17.25 14.00
CA ALA C 230 -22.26 -18.06 12.43
CA TYR C 231 -24.31 -15.35 13.32
CA SER C 232 -22.24 -12.51 13.49
CA SER C 233 -23.60 -8.98 13.28
CA ARG C 234 -21.60 -7.41 10.58
CA SER C 235 -22.09 -3.76 11.37
CA HIS C 236 -21.17 -1.42 14.08
CA SER C 237 -24.54 -1.00 15.79
CA VAL C 238 -25.62 2.48 16.90
CA PHE C 239 -28.71 2.77 19.07
CA SER C 240 -29.71 6.33 19.96
CA VAL C 241 -32.29 7.52 22.47
CA THR C 242 -33.20 11.18 22.38
CA ILE C 243 -35.15 12.63 25.28
CA HIS C 244 -36.94 15.98 25.07
CA MET C 245 -37.66 17.32 28.54
CA LYS C 246 -39.68 20.40 29.53
CA GLU C 247 -40.42 21.37 33.13
CA THR C 248 -41.64 24.41 35.06
CA THR C 249 -39.73 25.13 38.22
CA ILE C 250 -40.38 26.31 41.67
CA ASP C 251 -39.15 29.49 40.22
CA GLY C 252 -41.67 28.83 37.58
CA GLU C 253 -39.26 29.28 34.92
CA GLU C 254 -39.90 26.90 32.13
CA LEU C 255 -36.72 25.05 31.22
CA VAL C 256 -35.97 22.86 28.36
CA LYS C 257 -33.44 20.38 27.67
CA ILE C 258 -32.53 18.09 25.02
CA GLY C 259 -30.27 15.14 25.77
CA LYS C 260 -29.23 12.31 23.53
CA LEU C 261 -27.28 9.19 24.01
CA ASN C 262 -25.58 6.85 21.79
CA LEU C 263 -24.14 3.49 21.97
CA VAL C 264 -21.98 1.79 19.56
CA ASP C 265 -21.40 -1.74 19.94
CA LEU C 266 -18.81 -1.58 17.19
CA ALA C 267 -17.46 -4.91 15.90
CA GLY C 268 -15.87 -6.57 17.26
CA SER C 269 -14.37 -7.94 14.31
CA GLU C 270 -12.17 -10.63 13.37
CA ASN C 271 -9.46 -10.16 11.08
CA ILE C 272 -9.34 -12.30 8.07
CA GLY C 273 -5.96 -13.64 9.09
CA ARG C 274 -7.82 -15.44 11.85
CA SER C 275 -11.23 -15.90 10.19
CA GLY C 276 -9.45 -17.06 7.02
CA ALA C 277 -11.85 -14.98 5.28
CA VAL C 278 -11.73 -14.31 1.75
CA ASP C 279 -13.11 -11.56 -0.67
CA LYS C 280 -16.29 -10.01 0.77
CA ARG C 281 -15.28 -10.87 4.35
CA ALA C 282 -11.74 -9.71 3.61
CA ARG C 283 -13.03 -6.46 2.12
CA GLU C 284 -14.92 -5.86 5.37
CA ALA C 285 -11.85 -6.68 7.46
CA GLY C 286 -9.82 -4.23 5.39
CA ASN C 287 -12.26 -1.41 6.14
CA ILE C 288 -12.65 -2.53 9.74
CA ASN C 289 -8.88 -2.60 10.36
CA GLN C 290 -8.33 0.69 8.57
CA SER C 291 -11.09 2.44 10.49
CA LEU C 292 -9.77 1.11 13.82
CA LEU C 293 -6.27 2.14 12.82
CA THR C 294 -7.61 5.66 12.14
CA LEU C 295 -9.16 5.48 15.61
CA GLY C 296 -5.77 4.60 17.06
CA ARG C 297 -4.14 7.54 15.27
CA VAL C 298 -6.82 9.90 16.59
CA ILE C 299 -6.18 8.64 20.12
CA THR C 300 -2.43 8.94 19.73
CA ALA C 301 -2.77 12.40 18.18
CA LEU C 302 -4.77 13.60 21.16
CA VAL C 303 -2.40 12.17 23.77
CA GLU C 304 0.67 13.57 22.01
CA ARG C 305 -1.37 16.62 21.69
CA THR C 306 0.20 16.46 18.33
CA PRO C 307 -1.76 18.68 16.31
CA HIS C 308 -2.36 16.74 13.14
CA VAL C 309 -2.46 13.27 11.81
CA PRO C 310 -3.30 12.01 8.44
CA TYR C 311 -6.06 9.54 9.04
CA ARG C 312 -6.52 9.12 6.30
CA GLU C 313 -9.19 6.71 5.71
CA SER C 314 -12.24 6.55 7.86
CA LYS C 315 -14.91 9.15 8.17
CA LEU C 316 -15.42 8.16 11.11
CA THR C 317 -12.88 9.63 13.72
CA ARG C 318 -13.72 13.07 12.33
CA ILE C 319 -17.28 12.60 13.58
CA LEU C 320 -16.11 10.90 16.75
CA GLN C 321 -14.10 13.76 18.11
CA ASP C 322 -16.97 15.87 19.25
CA SER C 323 -18.64 12.84 20.64
CA LEU C 324 -15.61 11.33 22.40
CA GLY C 325 -13.42 13.75 24.22
CA GLY C 326 -15.78 16.45 23.32
CA ARG C 327 -18.30 18.06 25.49
CA THR C 328 -19.86 14.55 25.28
CA ARG C 329 -19.90 12.36 28.14
CA THR C 330 -18.30 9.11 26.94
CA SER C 331 -17.63 5.69 28.46
CA ILE C 332 -15.78 2.78 26.86
CA ILE C 333 -16.23 -0.87 27.72
CA ALA C 334 -13.19 -2.81 26.47
CA THR C 335 -13.99 -6.50 26.22
CA ILE C 336 -11.25 -9.13 26.37
CA SER C 337 -11.00 -12.86 26.64
CA PRO C 338 -9.09 -14.16 29.22
CA ALA C 339 -6.89 -16.37 26.89
CA SER C 340 -3.17 -15.62 26.25
CA LEU C 341 -3.44 -16.43 22.66
CA ASN C 342 -4.77 -13.02 21.88
CA LEU C 343 -1.66 -11.44 23.37
CA GLU C 344 -0.95 -8.85 20.66
CA GLU C 345 -4.59 -7.83 20.30
CA THR C 346 -5.04 -7.54 24.08
CA LEU C 347 -1.87 -5.45 24.50
CA SER C 348 -2.98 -3.22 21.62
CA THR C 349 -6.36 -2.64 23.27
CA LEU C 350 -4.84 -1.96 26.70
CA GLU C 351 -2.11 0.30 25.32
CA TYR C 352 -4.46 2.63 23.43
CA ALA C 353 -7.08 2.50 26.17
CA HIS C 354 -4.34 3.47 28.61
CA ARG C 355 -3.24 6.40 26.47
CA ALA C 356 -6.86 7.54 26.34
CA LYS C 357 -6.79 8.02 30.11
CA ASN C 358 -4.36 10.84 29.58
CA ILE C 359 -6.36 13.33 27.15
CA LEU C 360 -6.83 16.89 29.12
CA ASN C 361 -9.68 19.44 28.31
CA LYS C 362 -10.20 23.01 29.54
CA PRO C 363 -12.88 24.24 31.32
CA GLU C 364 -13.55 27.74 29.71
CA VAL C 365 -16.61 29.79 30.30
CA ASN C 366 -18.71 31.26 27.54
MG MG D . 7.98 -7.43 -12.01
PG GTP E . 7.22 -7.64 -8.45
O1G GTP E . 7.32 -6.85 -9.73
O2G GTP E . 5.79 -8.15 -8.18
O3G GTP E . 7.54 -6.80 -7.22
O3B GTP E . 8.33 -8.86 -8.65
PB GTP E . 9.93 -8.67 -8.97
O1B GTP E . 10.22 -8.95 -10.37
O2B GTP E . 10.65 -9.49 -7.91
O3A GTP E . 10.24 -7.23 -8.58
PA GTP E . 11.39 -6.25 -8.80
O1A GTP E . 11.01 -4.96 -8.17
O2A GTP E . 11.78 -6.19 -10.22
O5' GTP E . 12.60 -6.89 -7.89
C5' GTP E . 13.80 -6.12 -7.96
C4' GTP E . 14.95 -6.63 -7.14
O4' GTP E . 15.73 -7.58 -7.91
C3' GTP E . 15.87 -5.47 -6.85
O3' GTP E . 16.60 -5.72 -5.68
C2' GTP E . 16.74 -5.43 -8.11
O2' GTP E . 18.01 -4.85 -7.80
C1' GTP E . 16.85 -6.91 -8.50
N9 GTP E . 16.83 -7.20 -9.95
C8 GTP E . 15.85 -6.86 -10.85
N7 GTP E . 16.10 -7.23 -12.07
C5 GTP E . 17.33 -7.84 -11.99
C6 GTP E . 18.12 -8.42 -12.99
O6 GTP E . 17.83 -8.53 -14.17
N1 GTP E . 19.33 -8.96 -12.50
C2 GTP E . 19.74 -8.90 -11.18
N2 GTP E . 20.90 -9.43 -10.91
N3 GTP E . 19.01 -8.34 -10.21
C4 GTP E . 17.81 -7.83 -10.68
PB GDP F . -17.86 22.18 -20.70
O1B GDP F . -17.83 20.89 -19.97
O2B GDP F . -17.65 22.12 -22.08
O3B GDP F . -19.24 22.96 -20.28
O3A GDP F . -16.66 23.03 -20.15
PA GDP F . -15.37 23.71 -20.96
O1A GDP F . -14.52 22.63 -21.52
O2A GDP F . -15.97 24.67 -21.98
O5' GDP F . -14.60 24.39 -19.79
C5' GDP F . -13.72 25.52 -20.02
C4' GDP F . -12.35 25.32 -19.59
O4' GDP F . -11.75 24.23 -20.39
C3' GDP F . -11.36 26.51 -19.89
O3' GDP F . -10.45 26.59 -18.74
C2' GDP F . -10.53 26.17 -21.15
O2' GDP F . -9.18 26.65 -21.24
C1' GDP F . -10.52 24.64 -21.14
N9 GDP F . -10.60 24.02 -22.47
C8 GDP F . -11.87 24.11 -23.25
N7 GDP F . -11.36 23.38 -24.33
C5 GDP F . -10.11 22.93 -24.32
C6 GDP F . -9.11 22.23 -25.03
O6 GDP F . -9.47 21.75 -26.23
N1 GDP F . -7.86 21.99 -24.56
C2 GDP F . -7.50 22.51 -23.22
N2 GDP F . -6.25 22.19 -22.99
N3 GDP F . -8.34 23.18 -22.54
C4 GDP F . -9.58 23.36 -23.04
O01 TA1 G . 6.04 17.98 -33.23
C01 TA1 G . 7.12 17.22 -32.65
C02 TA1 G . 7.84 18.22 -31.58
O02 TA1 G . 6.73 18.52 -30.65
C03 TA1 G . 6.15 19.81 -30.68
O03 TA1 G . 6.54 20.70 -31.40
C04 TA1 G . 5.08 19.96 -29.74
C05 TA1 G . 3.91 20.60 -30.36
C06 TA1 G . 2.75 20.80 -29.43
C07 TA1 G . 2.80 20.39 -28.07
C08 TA1 G . 3.86 19.86 -27.65
C09 TA1 G . 5.04 19.59 -28.39
C10 TA1 G . 9.08 17.66 -30.69
C11 TA1 G . 9.02 18.03 -29.14
O04 TA1 G . 7.83 17.43 -28.46
C12 TA1 G . 7.71 16.08 -28.27
O05 TA1 G . 8.50 15.25 -28.61
C13 TA1 G . 6.40 15.78 -27.54
C14 TA1 G . 8.90 19.52 -28.70
O06 TA1 G . 10.11 19.45 -27.90
C15 TA1 G . 10.28 18.07 -28.24
C16 TA1 G . 11.67 17.80 -28.92
C17 TA1 G . 11.57 17.21 -30.32
O07 TA1 G . 12.91 17.05 -30.86
C18 TA1 G . 10.61 18.03 -31.30
C19 TA1 G . 10.97 19.55 -31.21
C20 TA1 G . 10.94 17.67 -32.84
O08 TA1 G . 11.39 18.54 -33.57
C21 TA1 G . 10.69 16.28 -33.42
O09 TA1 G . 11.08 16.30 -34.86
C22 TA1 G . 12.19 15.58 -35.29
O10 TA1 G . 12.88 14.91 -34.60
C23 TA1 G . 12.39 15.78 -36.77
C24 TA1 G . 9.22 15.88 -33.25
C25 TA1 G . 8.90 14.79 -32.44
C26 TA1 G . 7.38 14.55 -32.18
O11 TA1 G . 7.09 13.65 -31.06
C27 TA1 G . 6.91 12.37 -31.32
O12 TA1 G . 6.98 11.83 -32.38
C28 TA1 G . 6.59 11.59 -30.02
O13 TA1 G . 6.38 10.23 -30.35
C29 TA1 G . 5.36 12.26 -29.35
N01 TA1 G . 4.32 12.33 -30.37
C30 TA1 G . 3.34 13.26 -30.36
O14 TA1 G . 3.23 14.11 -29.47
C31 TA1 G . 2.41 13.18 -31.52
C32 TA1 G . 1.62 12.07 -31.80
C33 TA1 G . 0.77 12.06 -32.94
C34 TA1 G . 0.71 13.20 -33.80
C35 TA1 G . 1.49 14.30 -33.51
C36 TA1 G . 2.34 14.32 -32.40
C37 TA1 G . 4.94 11.51 -28.07
C38 TA1 G . 5.48 11.95 -26.84
C39 TA1 G . 5.14 11.30 -25.63
C40 TA1 G . 4.25 10.21 -25.64
C41 TA1 G . 3.72 9.77 -26.84
C42 TA1 G . 4.06 10.41 -28.07
C43 TA1 G . 6.63 15.91 -31.87
C44 TA1 G . 9.88 13.89 -31.71
C45 TA1 G . 8.07 16.76 -33.93
C46 TA1 G . 7.29 15.86 -34.99
C47 TA1 G . 8.48 17.99 -34.77
MG MG H . -21.85 -12.74 17.97
AL AF3 I . -19.81 -11.46 16.74
F1 AF3 I . -20.39 -13.22 16.58
F2 AF3 I . -18.08 -11.08 16.99
F3 AF3 I . -21.14 -10.10 16.85
PB ADP J . -19.34 -11.45 20.41
O1B ADP J . -17.95 -10.97 20.69
O2B ADP J . -20.35 -10.42 20.86
O3B ADP J . -19.47 -11.83 18.97
PA ADP J . -19.97 -14.03 21.48
O1A ADP J . -21.44 -14.05 21.84
O2A ADP J . -19.76 -14.65 20.10
O3A ADP J . -19.42 -12.56 21.50
O5' ADP J . -19.16 -14.81 22.53
C5' ADP J . -18.29 -15.75 21.93
C4' ADP J . -18.03 -16.87 22.83
O4' ADP J . -17.73 -16.41 24.15
C3' ADP J . -19.15 -17.88 22.91
O3' ADP J . -18.83 -19.02 22.08
C2' ADP J . -19.37 -18.06 24.46
O2' ADP J . -19.16 -19.40 24.99
C1' ADP J . -18.43 -17.03 25.15
N9 ADP J . -19.18 -16.07 26.02
C8 ADP J . -19.48 -14.75 25.87
N7 ADP J . -20.23 -14.24 26.87
C5 ADP J . -20.45 -15.29 27.72
C6 ADP J . -21.15 -15.41 28.98
N6 ADP J . -21.80 -14.40 29.59
N1 ADP J . -21.15 -16.67 29.59
C2 ADP J . -20.48 -17.71 28.96
N3 ADP J . -19.81 -17.69 27.82
C4 ADP J . -19.81 -16.44 27.23
#